data_4HZ2
#
_entry.id   4HZ2
#
_cell.length_a   96.886
_cell.length_b   132.694
_cell.length_c   43.229
_cell.angle_alpha   90.00
_cell.angle_beta   90.00
_cell.angle_gamma   90.00
#
_symmetry.space_group_name_H-M   'P 21 21 2'
#
loop_
_entity.id
_entity.type
_entity.pdbx_description
1 polymer 'Glutathione S-transferase domain'
2 non-polymer GLUTATHIONE
3 non-polymer 'BENZOIC ACID'
4 non-polymer 'UNKNOWN LIGAND'
5 water water
#
_entity_poly.entity_id   1
_entity_poly.type   'polypeptide(L)'
_entity_poly.pdbx_seq_one_letter_code
;MHHHHHHSSGVDLGTENLYFQSMRIYGMNGSGNCWKAAQILSLTGHDFEWVETSSGAAGTRSADFLALNAIGKVPVVVLD
DGTALRESNAILLHFAEGTPWLPPPGLARTRVHEWLFFEQYSHEPYIAVARYLKSWLRQAHLHEARLADCATRGAAALDV
MEQHLAGEPWLVGEGPTIADLALFAYTHRAEEADFDLAQWPAVLAWVDRVAALPGINLIPPLDEILPRAS
;
_entity_poly.pdbx_strand_id   A,B
#
# COMPACT_ATOMS: atom_id res chain seq x y z
N SER A 22 -0.92 7.51 -28.62
CA SER A 22 -0.59 6.25 -27.99
C SER A 22 -0.25 6.41 -26.50
N MET A 23 -0.39 5.33 -25.78
CA MET A 23 -0.23 5.32 -24.38
C MET A 23 1.20 5.68 -24.03
N ARG A 24 1.38 6.39 -22.94
CA ARG A 24 2.72 6.72 -22.40
C ARG A 24 2.91 6.25 -20.99
N ILE A 25 4.13 5.83 -20.66
CA ILE A 25 4.50 5.59 -19.28
C ILE A 25 5.57 6.60 -18.92
N TYR A 26 5.29 7.42 -17.90
CA TYR A 26 6.33 8.30 -17.32
C TYR A 26 6.99 7.47 -16.22
N GLY A 27 8.30 7.25 -16.32
CA GLY A 27 8.99 6.43 -15.34
C GLY A 27 10.48 6.71 -15.26
N MET A 28 11.13 6.01 -14.35
CA MET A 28 12.57 6.08 -14.15
C MET A 28 13.19 4.74 -14.51
N ASN A 29 14.19 4.77 -15.38
CA ASN A 29 14.83 3.55 -15.83
C ASN A 29 15.51 2.90 -14.64
N GLY A 30 15.24 1.62 -14.41
CA GLY A 30 15.80 0.94 -13.24
C GLY A 30 14.80 0.81 -12.10
N SER A 31 13.69 1.55 -12.14
CA SER A 31 12.71 1.53 -11.05
C SER A 31 11.85 0.24 -11.10
N GLY A 32 11.78 -0.46 -9.97
CA GLY A 32 10.90 -1.64 -9.88
C GLY A 32 9.43 -1.25 -10.03
N ASN A 33 9.03 -0.14 -9.38
CA ASN A 33 7.61 0.26 -9.49
C ASN A 33 7.25 0.59 -10.92
N CYS A 34 8.17 1.22 -11.62
CA CYS A 34 7.89 1.55 -13.04
C CYS A 34 7.90 0.29 -13.92
N TRP A 35 8.77 -0.65 -13.58
CA TRP A 35 8.79 -1.96 -14.24
C TRP A 35 7.42 -2.63 -14.15
N LYS A 36 6.73 -2.50 -13.01
CA LYS A 36 5.42 -3.12 -12.89
C LYS A 36 4.48 -2.66 -14.00
N ALA A 37 4.45 -1.35 -14.21
CA ALA A 37 3.61 -0.72 -15.26
C ALA A 37 4.02 -1.22 -16.65
N ALA A 38 5.31 -1.09 -16.99
CA ALA A 38 5.76 -1.54 -18.30
C ALA A 38 5.43 -3.04 -18.51
N GLN A 39 5.63 -3.84 -17.46
CA GLN A 39 5.51 -5.28 -17.57
C GLN A 39 4.05 -5.70 -17.80
N ILE A 40 3.11 -5.14 -17.03
CA ILE A 40 1.72 -5.51 -17.22
C ILE A 40 1.20 -5.02 -18.57
N LEU A 41 1.68 -3.86 -19.02
CA LEU A 41 1.21 -3.36 -20.32
C LEU A 41 1.67 -4.33 -21.40
N SER A 42 2.92 -4.78 -21.34
CA SER A 42 3.44 -5.72 -22.35
CA SER A 42 3.42 -5.70 -22.36
CA SER A 42 3.38 -5.68 -22.41
C SER A 42 2.69 -7.05 -22.33
N LEU A 43 2.42 -7.55 -21.12
CA LEU A 43 1.77 -8.86 -20.95
C LEU A 43 0.35 -8.84 -21.46
N THR A 44 -0.26 -7.67 -21.46
CA THR A 44 -1.67 -7.57 -21.83
C THR A 44 -1.83 -6.96 -23.22
N GLY A 45 -0.73 -6.90 -23.95
CA GLY A 45 -0.79 -6.59 -25.38
C GLY A 45 -0.84 -5.11 -25.75
N HIS A 46 -0.49 -4.22 -24.79
CA HIS A 46 -0.55 -2.77 -25.04
C HIS A 46 0.80 -2.21 -25.45
N ASP A 47 0.84 -1.52 -26.59
CA ASP A 47 2.02 -0.76 -26.97
C ASP A 47 2.10 0.50 -26.13
N PHE A 48 3.30 0.96 -25.80
CA PHE A 48 3.42 2.24 -25.07
C PHE A 48 4.72 2.95 -25.44
N GLU A 49 4.73 4.27 -25.24
CA GLU A 49 5.92 5.07 -25.37
C GLU A 49 6.46 5.33 -23.94
N TRP A 50 7.73 5.00 -23.69
CA TRP A 50 8.38 5.32 -22.41
C TRP A 50 8.90 6.76 -22.42
N VAL A 51 8.60 7.49 -21.34
CA VAL A 51 9.10 8.87 -21.17
C VAL A 51 9.91 8.93 -19.87
N GLU A 52 11.23 9.05 -20.01
CA GLU A 52 12.11 9.09 -18.86
C GLU A 52 11.79 10.39 -18.13
N THR A 53 11.67 10.30 -16.81
CA THR A 53 11.21 11.39 -15.96
C THR A 53 12.21 11.57 -14.83
N SER A 54 12.71 12.79 -14.65
CA SER A 54 13.65 13.12 -13.59
CA SER A 54 13.65 12.97 -13.57
C SER A 54 12.96 13.23 -12.25
N SER A 55 13.72 13.11 -11.18
CA SER A 55 13.23 13.35 -9.84
C SER A 55 13.41 14.83 -9.56
N GLY A 56 12.35 15.51 -9.15
CA GLY A 56 12.51 16.91 -8.72
C GLY A 56 11.91 17.89 -9.72
N ALA A 57 12.44 19.11 -9.73
CA ALA A 57 11.79 20.22 -10.44
C ALA A 57 11.68 19.97 -11.93
N ALA A 58 12.60 19.19 -12.49
CA ALA A 58 12.58 18.95 -13.94
C ALA A 58 11.74 17.75 -14.34
N GLY A 59 11.10 17.10 -13.36
CA GLY A 59 10.33 15.87 -13.66
C GLY A 59 9.13 15.73 -12.72
N THR A 60 9.31 14.89 -11.70
CA THR A 60 8.20 14.57 -10.80
C THR A 60 7.60 15.76 -10.05
N ARG A 61 8.34 16.86 -9.88
CA ARG A 61 7.82 18.06 -9.21
CA ARG A 61 7.77 18.04 -9.22
C ARG A 61 7.61 19.21 -10.18
N SER A 62 7.62 18.93 -11.49
CA SER A 62 7.34 19.98 -12.46
C SER A 62 5.83 20.22 -12.46
N ALA A 63 5.44 21.39 -12.89
CA ALA A 63 4.05 21.72 -12.93
C ALA A 63 3.28 20.77 -13.82
N ASP A 64 3.85 20.40 -14.96
CA ASP A 64 3.15 19.53 -15.92
C ASP A 64 2.95 18.17 -15.33
N PHE A 65 3.95 17.67 -14.62
CA PHE A 65 3.82 16.32 -14.07
C PHE A 65 2.85 16.34 -12.88
N LEU A 66 2.92 17.37 -12.05
CA LEU A 66 2.00 17.42 -10.92
C LEU A 66 0.55 17.55 -11.39
N ALA A 67 0.34 18.11 -12.59
CA ALA A 67 -1.01 18.16 -13.16
C ALA A 67 -1.52 16.75 -13.50
N LEU A 68 -0.62 15.86 -13.91
CA LEU A 68 -0.95 14.45 -14.15
C LEU A 68 -1.16 13.68 -12.85
N ASN A 69 -0.27 13.93 -11.87
CA ASN A 69 -0.32 13.19 -10.61
C ASN A 69 0.11 14.09 -9.46
N ALA A 70 -0.86 14.55 -8.66
CA ALA A 70 -0.56 15.49 -7.57
C ALA A 70 0.38 14.88 -6.54
N ILE A 71 0.42 13.56 -6.46
CA ILE A 71 1.34 12.89 -5.54
C ILE A 71 2.82 13.14 -5.95
N GLY A 72 3.07 13.45 -7.24
CA GLY A 72 4.43 13.70 -7.69
C GLY A 72 5.29 12.45 -7.72
N LYS A 73 4.70 11.30 -8.07
CA LYS A 73 5.47 10.04 -8.14
C LYS A 73 5.28 9.34 -9.50
N VAL A 74 6.33 8.68 -9.98
CA VAL A 74 6.22 7.74 -11.09
C VAL A 74 6.08 6.34 -10.49
N PRO A 75 5.48 5.37 -11.25
CA PRO A 75 5.01 5.55 -12.62
C PRO A 75 3.67 6.28 -12.76
N VAL A 76 3.48 6.90 -13.92
CA VAL A 76 2.18 7.39 -14.34
C VAL A 76 1.97 6.85 -15.74
N VAL A 77 0.78 6.28 -15.99
CA VAL A 77 0.39 5.86 -17.34
C VAL A 77 -0.66 6.84 -17.88
N VAL A 78 -0.37 7.45 -19.03
CA VAL A 78 -1.37 8.34 -19.62
C VAL A 78 -1.94 7.73 -20.91
N LEU A 79 -3.26 7.58 -20.93
CA LEU A 79 -3.97 7.06 -22.11
C LEU A 79 -4.10 8.15 -23.20
N ASP A 80 -4.41 7.73 -24.43
CA ASP A 80 -4.62 8.67 -25.54
C ASP A 80 -5.73 9.68 -25.29
N ASP A 81 -6.72 9.31 -24.49
CA ASP A 81 -7.83 10.22 -24.24
C ASP A 81 -7.58 11.23 -23.12
N GLY A 82 -6.38 11.20 -22.53
CA GLY A 82 -6.00 12.12 -21.46
C GLY A 82 -6.02 11.53 -20.05
N THR A 83 -6.57 10.33 -19.92
CA THR A 83 -6.71 9.70 -18.59
C THR A 83 -5.33 9.38 -18.04
N ALA A 84 -5.03 9.86 -16.84
CA ALA A 84 -3.72 9.63 -16.22
C ALA A 84 -3.95 8.67 -15.07
N LEU A 85 -3.25 7.52 -15.07
CA LEU A 85 -3.35 6.50 -14.05
C LEU A 85 -2.05 6.50 -13.23
N ARG A 86 -2.14 6.31 -11.92
CA ARG A 86 -0.99 6.36 -11.05
C ARG A 86 -1.04 5.20 -10.05
N GLU A 87 0.04 5.04 -9.32
CA GLU A 87 0.20 3.99 -8.30
C GLU A 87 0.45 2.67 -8.98
N SER A 88 1.65 2.18 -8.88
CA SER A 88 2.07 1.05 -9.63
C SER A 88 1.17 -0.16 -9.39
N ASN A 89 0.75 -0.36 -8.16
CA ASN A 89 -0.11 -1.55 -7.90
C ASN A 89 -1.55 -1.34 -8.40
N ALA A 90 -2.01 -0.09 -8.44
CA ALA A 90 -3.30 0.21 -9.05
C ALA A 90 -3.21 0.02 -10.56
N ILE A 91 -2.07 0.37 -11.14
CA ILE A 91 -1.86 0.15 -12.57
C ILE A 91 -1.89 -1.36 -12.88
N LEU A 92 -1.27 -2.19 -12.04
CA LEU A 92 -1.36 -3.66 -12.17
C LEU A 92 -2.83 -4.09 -12.16
N LEU A 93 -3.59 -3.63 -11.16
CA LEU A 93 -4.99 -3.99 -11.04
C LEU A 93 -5.82 -3.55 -12.24
N HIS A 94 -5.50 -2.36 -12.76
CA HIS A 94 -6.30 -1.79 -13.83
C HIS A 94 -6.18 -2.62 -15.11
N PHE A 95 -4.95 -2.87 -15.53
CA PHE A 95 -4.73 -3.58 -16.82
C PHE A 95 -4.86 -5.10 -16.70
N ALA A 96 -4.76 -5.65 -15.49
CA ALA A 96 -4.88 -7.13 -15.36
C ALA A 96 -6.33 -7.59 -15.27
N GLU A 97 -7.26 -6.67 -15.04
CA GLU A 97 -8.67 -7.01 -14.91
C GLU A 97 -9.12 -7.73 -16.17
N GLY A 98 -9.86 -8.84 -16.02
CA GLY A 98 -10.33 -9.62 -17.17
C GLY A 98 -9.26 -10.47 -17.85
N THR A 99 -8.08 -10.61 -17.25
CA THR A 99 -7.02 -11.46 -17.80
C THR A 99 -6.66 -12.54 -16.79
N PRO A 100 -5.88 -13.55 -17.23
CA PRO A 100 -5.43 -14.61 -16.34
C PRO A 100 -4.55 -14.09 -15.21
N TRP A 101 -4.09 -12.84 -15.29
CA TRP A 101 -3.23 -12.27 -14.24
C TRP A 101 -3.99 -11.80 -12.99
N LEU A 102 -5.31 -11.77 -13.07
CA LEU A 102 -6.11 -11.26 -11.94
C LEU A 102 -7.43 -12.03 -11.87
N PRO A 103 -7.61 -12.83 -10.80
CA PRO A 103 -8.92 -13.52 -10.67
C PRO A 103 -10.06 -12.55 -10.35
N PRO A 104 -11.30 -12.96 -10.69
CA PRO A 104 -12.47 -12.14 -10.38
C PRO A 104 -12.68 -12.13 -8.87
N PRO A 105 -13.51 -11.20 -8.37
CA PRO A 105 -13.79 -11.11 -6.92
C PRO A 105 -14.09 -12.45 -6.26
N GLY A 106 -13.52 -12.61 -5.07
CA GLY A 106 -13.60 -13.85 -4.33
C GLY A 106 -12.35 -13.97 -3.48
N LEU A 107 -12.14 -15.14 -2.89
CA LEU A 107 -11.05 -15.31 -1.93
C LEU A 107 -9.69 -15.15 -2.60
N ALA A 108 -9.49 -15.76 -3.76
CA ALA A 108 -8.19 -15.64 -4.45
C ALA A 108 -7.90 -14.17 -4.78
N ARG A 109 -8.92 -13.44 -5.25
CA ARG A 109 -8.73 -12.03 -5.55
C ARG A 109 -8.36 -11.26 -4.27
N THR A 110 -9.00 -11.58 -3.16
CA THR A 110 -8.61 -10.99 -1.87
C THR A 110 -7.16 -11.33 -1.47
N ARG A 111 -6.74 -12.57 -1.70
CA ARG A 111 -5.36 -12.95 -1.43
C ARG A 111 -4.40 -12.10 -2.27
N VAL A 112 -4.74 -11.87 -3.54
CA VAL A 112 -3.96 -10.95 -4.35
C VAL A 112 -3.85 -9.57 -3.69
N HIS A 113 -5.00 -8.99 -3.32
CA HIS A 113 -4.97 -7.67 -2.67
C HIS A 113 -4.06 -7.65 -1.46
N GLU A 114 -4.19 -8.64 -0.60
CA GLU A 114 -3.34 -8.74 0.58
C GLU A 114 -1.85 -8.65 0.24
N TRP A 115 -1.39 -9.43 -0.75
CA TRP A 115 0.00 -9.33 -1.16
C TRP A 115 0.37 -7.95 -1.70
N LEU A 116 -0.54 -7.32 -2.46
CA LEU A 116 -0.24 -5.96 -3.00
C LEU A 116 -0.06 -4.96 -1.86
N PHE A 117 -0.91 -5.01 -0.83
CA PHE A 117 -0.73 -4.09 0.31
C PHE A 117 0.50 -4.44 1.14
N PHE A 118 0.73 -5.72 1.37
CA PHE A 118 1.95 -6.13 2.06
C PHE A 118 3.18 -5.59 1.30
N GLU A 119 3.17 -5.71 -0.02
CA GLU A 119 4.31 -5.24 -0.83
C GLU A 119 4.58 -3.75 -0.56
N GLN A 120 3.52 -2.94 -0.59
CA GLN A 120 3.65 -1.49 -0.43
C GLN A 120 4.00 -1.07 1.00
N TYR A 121 3.57 -1.83 1.99
CA TYR A 121 3.75 -1.41 3.37
C TYR A 121 4.98 -2.04 4.03
N SER A 122 5.21 -3.32 3.70
CA SER A 122 6.17 -4.11 4.48
C SER A 122 7.43 -4.53 3.71
N HIS A 123 7.46 -4.32 2.39
CA HIS A 123 8.52 -4.88 1.56
C HIS A 123 9.20 -3.77 0.77
N GLU A 124 8.46 -3.09 -0.12
CA GLU A 124 9.00 -2.00 -0.94
C GLU A 124 9.78 -0.93 -0.10
N PRO A 125 9.23 -0.50 1.05
CA PRO A 125 9.91 0.61 1.77
C PRO A 125 11.31 0.24 2.29
N TYR A 126 11.65 -1.03 2.28
CA TYR A 126 12.93 -1.51 2.82
C TYR A 126 13.80 -2.00 1.68
N ILE A 127 13.26 -2.89 0.84
CA ILE A 127 14.07 -3.48 -0.23
C ILE A 127 14.30 -2.46 -1.35
N ALA A 128 13.24 -1.80 -1.81
CA ALA A 128 13.41 -0.82 -2.90
C ALA A 128 14.27 0.35 -2.42
N VAL A 129 14.07 0.81 -1.20
CA VAL A 129 14.82 1.98 -0.70
C VAL A 129 16.30 1.62 -0.48
N ALA A 130 16.60 0.46 0.10
CA ALA A 130 17.99 0.04 0.29
C ALA A 130 18.71 -0.04 -1.07
N ARG A 131 18.03 -0.62 -2.06
CA ARG A 131 18.60 -0.78 -3.39
C ARG A 131 18.93 0.59 -3.99
N TYR A 132 18.02 1.54 -3.82
CA TYR A 132 18.18 2.87 -4.38
C TYR A 132 19.33 3.62 -3.69
N LEU A 133 19.32 3.63 -2.36
CA LEU A 133 20.36 4.36 -1.61
C LEU A 133 21.76 3.76 -1.79
N LYS A 134 21.84 2.44 -1.86
CA LYS A 134 23.13 1.75 -1.97
C LYS A 134 23.61 1.64 -3.41
N SER A 135 22.77 1.07 -4.28
CA SER A 135 23.20 0.72 -5.64
C SER A 135 22.89 1.76 -6.71
N TRP A 136 21.98 2.68 -6.43
CA TRP A 136 21.75 3.76 -7.37
C TRP A 136 22.57 5.01 -6.97
N LEU A 137 22.36 5.49 -5.75
CA LEU A 137 23.02 6.72 -5.29
C LEU A 137 24.45 6.46 -4.78
N ARG A 138 24.71 5.24 -4.34
CA ARG A 138 26.01 4.88 -3.77
C ARG A 138 26.33 5.80 -2.60
N GLN A 139 25.32 6.02 -1.76
CA GLN A 139 25.46 6.91 -0.61
C GLN A 139 25.17 6.17 0.69
N ALA A 140 25.59 4.92 0.76
CA ALA A 140 25.27 4.11 1.95
C ALA A 140 25.78 4.78 3.23
N HIS A 141 26.91 5.47 3.12
CA HIS A 141 27.54 6.10 4.30
C HIS A 141 26.70 7.23 4.90
N LEU A 142 25.74 7.76 4.14
CA LEU A 142 24.93 8.88 4.62
C LEU A 142 23.59 8.45 5.23
N HIS A 143 23.31 7.14 5.23
CA HIS A 143 21.99 6.66 5.64
C HIS A 143 22.09 5.47 6.58
N GLU A 144 23.03 5.53 7.51
CA GLU A 144 23.35 4.39 8.37
C GLU A 144 22.15 3.83 9.13
N ALA A 145 21.48 4.65 9.93
CA ALA A 145 20.40 4.12 10.77
C ALA A 145 19.31 3.55 9.87
N ARG A 146 18.94 4.31 8.84
CA ARG A 146 17.89 3.84 7.93
C ARG A 146 18.22 2.53 7.23
N LEU A 147 19.47 2.38 6.78
CA LEU A 147 19.85 1.17 6.04
C LEU A 147 19.95 -0.02 6.97
N ALA A 148 20.31 0.20 8.24
CA ALA A 148 20.28 -0.90 9.19
C ALA A 148 18.83 -1.33 9.37
N ASP A 149 17.92 -0.36 9.48
CA ASP A 149 16.49 -0.69 9.61
C ASP A 149 15.99 -1.46 8.35
N CYS A 150 16.39 -1.01 7.17
CA CYS A 150 16.04 -1.70 5.93
C CYS A 150 16.54 -3.14 5.91
N ALA A 151 17.76 -3.36 6.39
CA ALA A 151 18.32 -4.71 6.37
C ALA A 151 17.44 -5.62 7.25
N THR A 152 17.05 -5.13 8.42
CA THR A 152 16.25 -5.91 9.35
C THR A 152 14.83 -6.14 8.85
N ARG A 153 14.15 -5.08 8.45
CA ARG A 153 12.77 -5.22 8.00
C ARG A 153 12.65 -5.88 6.63
N GLY A 154 13.63 -5.65 5.76
CA GLY A 154 13.63 -6.35 4.46
C GLY A 154 13.77 -7.85 4.66
N ALA A 155 14.67 -8.25 5.56
CA ALA A 155 14.78 -9.68 5.89
C ALA A 155 13.46 -10.26 6.42
N ALA A 156 12.73 -9.52 7.24
CA ALA A 156 11.45 -9.99 7.77
C ALA A 156 10.46 -10.19 6.64
N ALA A 157 10.44 -9.29 5.66
CA ALA A 157 9.51 -9.39 4.54
C ALA A 157 9.86 -10.62 3.68
N LEU A 158 11.13 -10.85 3.44
CA LEU A 158 11.53 -12.07 2.70
C LEU A 158 11.16 -13.35 3.47
N ASP A 159 11.23 -13.30 4.80
CA ASP A 159 10.79 -14.44 5.64
C ASP A 159 9.33 -14.79 5.41
N VAL A 160 8.47 -13.80 5.37
CA VAL A 160 7.04 -14.01 5.05
C VAL A 160 6.90 -14.68 3.68
N MET A 161 7.61 -14.17 2.67
CA MET A 161 7.51 -14.76 1.34
C MET A 161 8.00 -16.21 1.33
N GLU A 162 9.11 -16.45 2.02
CA GLU A 162 9.74 -17.78 2.08
C GLU A 162 8.77 -18.77 2.73
N GLN A 163 8.11 -18.38 3.82
CA GLN A 163 7.20 -19.29 4.57
C GLN A 163 6.07 -19.75 3.65
N HIS A 164 5.58 -18.82 2.83
CA HIS A 164 4.51 -19.13 1.89
C HIS A 164 5.02 -20.02 0.75
N LEU A 165 6.09 -19.56 0.11
CA LEU A 165 6.60 -20.15 -1.13
C LEU A 165 7.31 -21.49 -0.92
N ALA A 166 7.63 -21.81 0.33
CA ALA A 166 8.16 -23.15 0.66
C ALA A 166 7.07 -24.18 0.49
N GLY A 167 5.81 -23.73 0.60
CA GLY A 167 4.67 -24.66 0.54
C GLY A 167 3.90 -24.67 -0.78
N GLU A 168 4.06 -23.64 -1.58
CA GLU A 168 3.52 -23.58 -2.90
CA GLU A 168 3.34 -23.46 -2.83
C GLU A 168 4.24 -22.69 -3.85
N PRO A 169 4.08 -22.95 -5.12
CA PRO A 169 4.94 -22.27 -6.11
C PRO A 169 4.55 -20.86 -6.47
N TRP A 170 3.30 -20.47 -6.22
CA TRP A 170 2.85 -19.11 -6.59
C TRP A 170 2.29 -18.41 -5.37
N LEU A 171 2.26 -17.07 -5.37
CA LEU A 171 1.74 -16.36 -4.23
C LEU A 171 0.24 -16.57 -4.00
N VAL A 172 -0.53 -16.77 -5.07
CA VAL A 172 -1.97 -17.02 -4.97
C VAL A 172 -2.40 -18.12 -5.95
N GLY A 173 -3.07 -19.15 -5.43
CA GLY A 173 -3.63 -20.19 -6.30
C GLY A 173 -2.59 -21.00 -7.04
N GLU A 174 -2.98 -21.55 -8.17
CA GLU A 174 -2.16 -22.48 -8.90
C GLU A 174 -1.43 -21.89 -10.08
N GLY A 175 -1.37 -20.57 -10.19
CA GLY A 175 -0.71 -19.98 -11.35
C GLY A 175 -0.31 -18.54 -11.04
N PRO A 176 0.42 -17.90 -11.96
CA PRO A 176 0.94 -16.54 -11.74
C PRO A 176 -0.17 -15.47 -11.76
N THR A 177 -0.02 -14.48 -10.90
CA THR A 177 -0.95 -13.36 -10.89
C THR A 177 -0.17 -12.08 -10.72
N ILE A 178 -0.87 -10.95 -10.68
CA ILE A 178 -0.17 -9.70 -10.39
C ILE A 178 0.45 -9.67 -8.99
N ALA A 179 0.01 -10.56 -8.07
CA ALA A 179 0.66 -10.65 -6.75
C ALA A 179 2.15 -11.02 -7.00
N ASP A 180 2.40 -12.02 -7.84
CA ASP A 180 3.78 -12.38 -8.15
C ASP A 180 4.52 -11.22 -8.80
N LEU A 181 3.89 -10.57 -9.78
CA LEU A 181 4.56 -9.43 -10.45
C LEU A 181 4.93 -8.33 -9.44
N ALA A 182 4.00 -7.96 -8.57
CA ALA A 182 4.25 -6.88 -7.63
C ALA A 182 5.48 -7.16 -6.76
N LEU A 183 5.58 -8.40 -6.26
CA LEU A 183 6.68 -8.82 -5.35
CA LEU A 183 6.70 -8.76 -5.36
C LEU A 183 7.98 -9.11 -6.13
N PHE A 184 7.83 -9.50 -7.40
CA PHE A 184 8.99 -9.82 -8.22
C PHE A 184 9.78 -8.57 -8.56
N ALA A 185 9.04 -7.48 -8.79
CA ALA A 185 9.62 -6.21 -9.27
C ALA A 185 10.94 -5.83 -8.60
N TYR A 186 10.96 -5.82 -7.26
CA TYR A 186 12.20 -5.56 -6.53
C TYR A 186 12.87 -6.83 -6.01
N THR A 187 12.10 -7.88 -5.69
CA THR A 187 12.76 -9.05 -5.13
C THR A 187 13.80 -9.63 -6.08
N HIS A 188 13.49 -9.61 -7.39
CA HIS A 188 14.45 -10.18 -8.38
C HIS A 188 15.79 -9.44 -8.42
N ARG A 189 15.80 -8.19 -7.90
CA ARG A 189 17.05 -7.43 -7.85
C ARG A 189 17.51 -7.20 -6.40
N ALA A 190 17.08 -8.06 -5.48
CA ALA A 190 17.40 -7.91 -4.05
C ALA A 190 18.90 -7.88 -3.79
N GLU A 191 19.71 -8.47 -4.66
CA GLU A 191 21.15 -8.46 -4.46
C GLU A 191 21.67 -7.04 -4.41
N GLU A 192 20.99 -6.12 -5.12
CA GLU A 192 21.39 -4.71 -5.11
C GLU A 192 21.05 -3.97 -3.81
N ALA A 193 20.31 -4.65 -2.93
CA ALA A 193 20.03 -4.13 -1.60
C ALA A 193 20.79 -4.98 -0.54
N ASP A 194 21.71 -5.82 -1.03
CA ASP A 194 22.51 -6.74 -0.22
CA ASP A 194 22.51 -6.70 -0.17
C ASP A 194 21.69 -7.79 0.52
N PHE A 195 20.69 -8.35 -0.18
CA PHE A 195 20.04 -9.56 0.29
C PHE A 195 20.48 -10.67 -0.65
N ASP A 196 21.04 -11.71 -0.08
CA ASP A 196 21.44 -12.89 -0.84
C ASP A 196 20.29 -13.89 -0.88
N LEU A 197 19.63 -13.98 -2.04
CA LEU A 197 18.43 -14.84 -2.14
C LEU A 197 18.72 -16.33 -1.90
N ALA A 198 19.99 -16.72 -1.98
CA ALA A 198 20.33 -18.12 -1.68
C ALA A 198 19.93 -18.45 -0.24
N GLN A 199 19.86 -17.42 0.59
CA GLN A 199 19.46 -17.59 2.01
C GLN A 199 17.94 -17.73 2.20
N TRP A 200 17.19 -17.48 1.12
CA TRP A 200 15.73 -17.71 1.08
C TRP A 200 15.45 -18.58 -0.14
N PRO A 201 15.74 -19.89 -0.03
CA PRO A 201 15.77 -20.75 -1.23
C PRO A 201 14.42 -20.89 -1.93
N ALA A 202 13.32 -20.83 -1.17
CA ALA A 202 11.99 -20.90 -1.80
C ALA A 202 11.72 -19.61 -2.60
N VAL A 203 12.17 -18.49 -2.07
CA VAL A 203 11.99 -17.21 -2.78
C VAL A 203 12.88 -17.24 -4.03
N LEU A 204 14.10 -17.76 -3.89
CA LEU A 204 15.00 -17.90 -5.05
C LEU A 204 14.38 -18.74 -6.16
N ALA A 205 13.79 -19.88 -5.80
CA ALA A 205 13.12 -20.76 -6.76
C ALA A 205 11.99 -20.00 -7.45
N TRP A 206 11.23 -19.24 -6.66
CA TRP A 206 10.09 -18.48 -7.18
C TRP A 206 10.54 -17.37 -8.11
N VAL A 207 11.61 -16.66 -7.78
CA VAL A 207 12.15 -15.68 -8.72
C VAL A 207 12.45 -16.33 -10.07
N ASP A 208 13.13 -17.48 -10.08
CA ASP A 208 13.41 -18.14 -11.35
C ASP A 208 12.12 -18.55 -12.06
N ARG A 209 11.16 -19.09 -11.30
CA ARG A 209 9.86 -19.48 -11.82
C ARG A 209 9.14 -18.30 -12.52
N VAL A 210 9.14 -17.13 -11.88
CA VAL A 210 8.49 -15.96 -12.50
C VAL A 210 9.26 -15.53 -13.74
N ALA A 211 10.58 -15.53 -13.63
CA ALA A 211 11.45 -15.02 -14.69
C ALA A 211 11.31 -15.86 -15.97
N ALA A 212 10.89 -17.11 -15.82
CA ALA A 212 10.77 -18.03 -16.96
C ALA A 212 9.45 -17.88 -17.72
N LEU A 213 8.50 -17.10 -17.18
CA LEU A 213 7.20 -16.96 -17.85
C LEU A 213 7.37 -16.15 -19.13
N PRO A 214 6.60 -16.48 -20.18
CA PRO A 214 6.78 -15.80 -21.48
C PRO A 214 6.49 -14.32 -21.36
N GLY A 215 7.43 -13.51 -21.82
CA GLY A 215 7.20 -12.08 -21.86
C GLY A 215 7.70 -11.33 -20.65
N ILE A 216 8.19 -12.05 -19.63
CA ILE A 216 8.77 -11.40 -18.45
C ILE A 216 10.20 -10.93 -18.79
N ASN A 217 10.49 -9.64 -18.53
CA ASN A 217 11.81 -9.07 -18.77
C ASN A 217 12.40 -8.66 -17.44
N LEU A 218 13.68 -8.92 -17.24
CA LEU A 218 14.34 -8.51 -16.01
C LEU A 218 14.75 -7.03 -16.09
N ILE A 219 14.86 -6.40 -14.94
CA ILE A 219 15.49 -5.06 -14.85
C ILE A 219 17.00 -5.28 -14.96
N PRO A 220 17.66 -4.57 -15.91
CA PRO A 220 19.12 -4.75 -16.02
C PRO A 220 19.82 -4.33 -14.74
N PRO A 221 20.98 -4.92 -14.44
CA PRO A 221 21.74 -4.47 -13.27
C PRO A 221 21.90 -2.94 -13.29
N LEU A 222 21.75 -2.29 -12.13
CA LEU A 222 21.90 -0.82 -12.08
C LEU A 222 23.27 -0.33 -12.58
N ASP A 223 24.33 -1.11 -12.39
CA ASP A 223 25.64 -0.69 -12.91
C ASP A 223 25.73 -0.65 -14.46
N GLU A 224 24.76 -1.25 -15.14
CA GLU A 224 24.65 -1.16 -16.60
C GLU A 224 23.83 0.06 -17.00
N ILE A 225 22.96 0.49 -16.10
CA ILE A 225 22.09 1.65 -16.31
C ILE A 225 22.81 2.98 -16.02
N LEU A 226 23.55 3.05 -14.92
CA LEU A 226 24.26 4.29 -14.54
C LEU A 226 25.01 4.94 -15.72
N SER B 22 -18.56 -18.20 14.21
CA SER B 22 -18.88 -16.73 14.16
C SER B 22 -17.64 -15.88 13.86
N MET B 23 -17.85 -14.80 13.10
CA MET B 23 -16.76 -13.93 12.62
C MET B 23 -16.05 -13.18 13.75
N ARG B 24 -14.72 -13.07 13.67
CA ARG B 24 -13.91 -12.42 14.71
C ARG B 24 -13.00 -11.37 14.09
N ILE B 25 -12.85 -10.23 14.75
CA ILE B 25 -11.79 -9.27 14.36
C ILE B 25 -10.73 -9.28 15.47
N TYR B 26 -9.50 -9.61 15.10
CA TYR B 26 -8.36 -9.40 15.99
C TYR B 26 -7.86 -7.99 15.76
N GLY B 27 -7.89 -7.16 16.81
CA GLY B 27 -7.49 -5.77 16.66
C GLY B 27 -7.08 -5.10 17.96
N MET B 28 -6.64 -3.85 17.84
CA MET B 28 -6.22 -3.03 18.96
C MET B 28 -7.18 -1.86 19.04
N ASN B 29 -7.79 -1.66 20.19
CA ASN B 29 -8.68 -0.54 20.43
C ASN B 29 -7.91 0.77 20.21
N GLY B 30 -8.44 1.66 19.38
CA GLY B 30 -7.77 2.93 19.05
C GLY B 30 -7.07 2.93 17.69
N SER B 31 -6.79 1.77 17.14
CA SER B 31 -6.15 1.64 15.83
C SER B 31 -7.06 2.00 14.67
N GLY B 32 -6.59 2.92 13.82
CA GLY B 32 -7.32 3.31 12.62
C GLY B 32 -7.43 2.17 11.63
N ASN B 33 -6.36 1.38 11.50
CA ASN B 33 -6.42 0.23 10.57
C ASN B 33 -7.47 -0.79 11.02
N CYS B 34 -7.59 -0.98 12.33
CA CYS B 34 -8.60 -1.90 12.86
C CYS B 34 -9.99 -1.30 12.73
N TRP B 35 -10.11 0.02 12.92
CA TRP B 35 -11.36 0.71 12.69
C TRP B 35 -11.89 0.44 11.25
N LYS B 36 -11.00 0.42 10.24
CA LYS B 36 -11.43 0.17 8.85
C LYS B 36 -12.21 -1.13 8.78
N ALA B 37 -11.65 -2.16 9.43
CA ALA B 37 -12.26 -3.49 9.36
C ALA B 37 -13.61 -3.49 10.07
N ALA B 38 -13.66 -2.98 11.30
CA ALA B 38 -14.93 -2.94 12.03
C ALA B 38 -15.97 -2.11 11.27
N GLN B 39 -15.54 -0.97 10.73
CA GLN B 39 -16.47 -0.09 10.08
C GLN B 39 -17.08 -0.69 8.83
N ILE B 40 -16.27 -1.34 7.97
CA ILE B 40 -16.86 -1.94 6.77
C ILE B 40 -17.73 -3.16 7.12
N LEU B 41 -17.35 -3.93 8.13
CA LEU B 41 -18.22 -5.04 8.57
C LEU B 41 -19.59 -4.55 9.05
N SER B 42 -19.58 -3.47 9.83
CA SER B 42 -20.83 -2.94 10.33
CA SER B 42 -20.81 -2.88 10.33
C SER B 42 -21.65 -2.34 9.18
N LEU B 43 -21.01 -1.62 8.26
CA LEU B 43 -21.72 -1.01 7.11
C LEU B 43 -22.36 -2.06 6.20
N THR B 44 -21.75 -3.25 6.14
CA THR B 44 -22.25 -4.27 5.22
C THR B 44 -23.05 -5.35 5.96
N GLY B 45 -23.37 -5.10 7.22
CA GLY B 45 -24.36 -5.94 7.92
C GLY B 45 -23.81 -7.18 8.57
N HIS B 46 -22.50 -7.24 8.77
CA HIS B 46 -21.89 -8.41 9.39
C HIS B 46 -21.74 -8.26 10.89
N ASP B 47 -22.26 -9.24 11.64
CA ASP B 47 -21.98 -9.35 13.06
C ASP B 47 -20.58 -9.93 13.26
N PHE B 48 -19.86 -9.45 14.27
CA PHE B 48 -18.53 -9.96 14.57
C PHE B 48 -18.23 -9.87 16.06
N GLU B 49 -17.28 -10.70 16.50
CA GLU B 49 -16.75 -10.62 17.85
C GLU B 49 -15.38 -9.95 17.78
N TRP B 50 -15.15 -8.99 18.67
CA TRP B 50 -13.86 -8.34 18.79
C TRP B 50 -12.93 -9.09 19.76
N VAL B 51 -11.68 -9.30 19.32
CA VAL B 51 -10.65 -9.92 20.13
C VAL B 51 -9.50 -8.93 20.30
N GLU B 52 -9.43 -8.31 21.46
CA GLU B 52 -8.37 -7.34 21.75
C GLU B 52 -7.02 -8.07 21.75
N THR B 53 -6.13 -7.62 20.89
CA THR B 53 -4.86 -8.31 20.64
C THR B 53 -3.72 -7.36 20.96
N SER B 54 -2.79 -7.80 21.79
CA SER B 54 -1.67 -6.95 22.17
C SER B 54 -0.53 -6.97 21.13
N SER B 55 0.40 -6.01 21.26
CA SER B 55 1.61 -5.99 20.44
C SER B 55 2.73 -6.77 21.14
N GLY B 56 3.32 -7.74 20.44
CA GLY B 56 4.43 -8.49 21.02
C GLY B 56 4.11 -9.96 21.23
N ALA B 57 4.95 -10.63 22.04
CA ALA B 57 4.90 -12.09 22.20
C ALA B 57 3.58 -12.68 22.72
N ALA B 58 2.75 -11.87 23.38
CA ALA B 58 1.45 -12.35 23.85
C ALA B 58 0.33 -12.04 22.85
N GLY B 59 0.68 -11.43 21.71
CA GLY B 59 -0.32 -11.06 20.72
C GLY B 59 0.15 -11.22 19.30
N THR B 60 0.46 -10.10 18.65
CA THR B 60 0.87 -10.07 17.24
C THR B 60 2.12 -10.91 16.94
N ARG B 61 2.96 -11.16 17.93
CA ARG B 61 4.14 -12.01 17.71
C ARG B 61 4.00 -13.39 18.35
N SER B 62 2.78 -13.76 18.77
CA SER B 62 2.56 -15.08 19.36
C SER B 62 2.46 -16.14 18.26
N ALA B 63 2.79 -17.37 18.61
CA ALA B 63 2.66 -18.52 17.71
C ALA B 63 1.27 -18.59 17.05
N ASP B 64 0.23 -18.58 17.89
CA ASP B 64 -1.15 -18.62 17.44
C ASP B 64 -1.48 -17.51 16.47
N PHE B 65 -1.06 -16.28 16.77
CA PHE B 65 -1.39 -15.19 15.88
C PHE B 65 -0.64 -15.29 14.55
N LEU B 66 0.65 -15.64 14.60
CA LEU B 66 1.44 -15.71 13.37
C LEU B 66 0.89 -16.82 12.46
N ALA B 67 0.26 -17.81 13.07
CA ALA B 67 -0.43 -18.88 12.33
C ALA B 67 -1.61 -18.30 11.55
N LEU B 68 -2.26 -17.26 12.10
CA LEU B 68 -3.33 -16.55 11.36
C LEU B 68 -2.77 -15.60 10.30
N ASN B 69 -1.72 -14.87 10.65
CA ASN B 69 -1.17 -13.88 9.74
C ASN B 69 0.35 -13.84 9.93
N ALA B 70 1.11 -14.41 8.97
CA ALA B 70 2.57 -14.48 9.07
C ALA B 70 3.22 -13.09 9.15
N ILE B 71 2.53 -12.07 8.64
CA ILE B 71 3.01 -10.70 8.70
C ILE B 71 3.04 -10.18 10.17
N GLY B 72 2.20 -10.76 11.03
CA GLY B 72 2.20 -10.38 12.43
C GLY B 72 1.58 -9.02 12.72
N LYS B 73 0.58 -8.63 11.94
CA LYS B 73 -0.09 -7.35 12.13
C LYS B 73 -1.60 -7.52 12.27
N VAL B 74 -2.22 -6.63 13.05
CA VAL B 74 -3.66 -6.50 13.04
C VAL B 74 -4.08 -5.33 12.12
N PRO B 75 -5.32 -5.34 11.60
CA PRO B 75 -6.42 -6.28 11.86
C PRO B 75 -6.29 -7.58 11.11
N VAL B 76 -6.87 -8.62 11.70
CA VAL B 76 -7.10 -9.87 11.02
C VAL B 76 -8.57 -10.16 11.25
N VAL B 77 -9.27 -10.52 10.20
CA VAL B 77 -10.67 -10.93 10.29
C VAL B 77 -10.74 -12.44 10.04
N VAL B 78 -11.34 -13.18 10.96
CA VAL B 78 -11.46 -14.61 10.78
C VAL B 78 -12.94 -14.97 10.58
N LEU B 79 -13.23 -15.60 9.44
CA LEU B 79 -14.60 -15.93 9.03
C LEU B 79 -15.07 -17.16 9.78
N ASP B 80 -16.38 -17.42 9.78
CA ASP B 80 -16.92 -18.51 10.57
C ASP B 80 -16.39 -19.87 10.10
N ASP B 81 -15.85 -19.91 8.88
CA ASP B 81 -15.23 -21.12 8.37
C ASP B 81 -13.73 -21.24 8.64
N GLY B 82 -13.19 -20.31 9.44
CA GLY B 82 -11.75 -20.35 9.77
C GLY B 82 -10.77 -19.56 8.89
N THR B 83 -11.23 -19.14 7.71
CA THR B 83 -10.44 -18.30 6.81
C THR B 83 -9.99 -17.00 7.47
N ALA B 84 -8.69 -16.74 7.43
CA ALA B 84 -8.13 -15.53 8.02
C ALA B 84 -7.77 -14.51 6.95
N LEU B 85 -8.39 -13.33 7.06
CA LEU B 85 -8.18 -12.22 6.15
C LEU B 85 -7.32 -11.18 6.85
N ARG B 86 -6.38 -10.59 6.12
CA ARG B 86 -5.46 -9.61 6.70
C ARG B 86 -5.31 -8.41 5.76
N GLU B 87 -4.58 -7.39 6.23
CA GLU B 87 -4.38 -6.12 5.49
C GLU B 87 -5.67 -5.30 5.45
N SER B 88 -5.70 -4.23 6.23
CA SER B 88 -6.95 -3.47 6.38
C SER B 88 -7.56 -3.04 5.05
N ASN B 89 -6.73 -2.61 4.09
CA ASN B 89 -7.32 -2.15 2.84
C ASN B 89 -7.83 -3.31 1.97
N ALA B 90 -7.19 -4.48 2.11
CA ALA B 90 -7.72 -5.72 1.47
C ALA B 90 -9.02 -6.14 2.13
N ILE B 91 -9.12 -5.94 3.44
CA ILE B 91 -10.39 -6.25 4.15
C ILE B 91 -11.51 -5.30 3.67
N LEU B 92 -11.17 -4.02 3.45
CA LEU B 92 -12.16 -3.10 2.90
C LEU B 92 -12.63 -3.58 1.52
N LEU B 93 -11.68 -3.95 0.66
CA LEU B 93 -12.02 -4.44 -0.67
C LEU B 93 -12.84 -5.72 -0.62
N HIS B 94 -12.57 -6.56 0.37
CA HIS B 94 -13.22 -7.88 0.38
C HIS B 94 -14.70 -7.76 0.70
N PHE B 95 -14.99 -7.03 1.78
CA PHE B 95 -16.38 -6.84 2.22
C PHE B 95 -17.20 -5.80 1.48
N ALA B 96 -16.54 -4.85 0.82
CA ALA B 96 -17.29 -3.84 0.09
C ALA B 96 -17.70 -4.32 -1.29
N GLU B 97 -17.13 -5.44 -1.72
CA GLU B 97 -17.41 -5.98 -3.05
C GLU B 97 -18.91 -6.21 -3.22
N GLY B 98 -19.48 -5.70 -4.31
CA GLY B 98 -20.93 -5.85 -4.61
C GLY B 98 -21.85 -4.93 -3.81
N THR B 99 -21.26 -3.96 -3.10
CA THR B 99 -22.01 -2.92 -2.38
C THR B 99 -21.71 -1.55 -2.99
N PRO B 100 -22.53 -0.54 -2.68
CA PRO B 100 -22.23 0.79 -3.23
C PRO B 100 -20.91 1.36 -2.68
N TRP B 101 -20.30 0.70 -1.70
CA TRP B 101 -19.00 1.22 -1.18
C TRP B 101 -17.84 0.91 -2.13
N LEU B 102 -18.05 0.02 -3.11
CA LEU B 102 -16.98 -0.33 -4.04
C LEU B 102 -17.48 -0.36 -5.48
N PRO B 103 -17.03 0.60 -6.32
CA PRO B 103 -17.46 0.56 -7.71
C PRO B 103 -16.99 -0.71 -8.40
N PRO B 104 -17.64 -1.09 -9.50
CA PRO B 104 -17.19 -2.23 -10.27
C PRO B 104 -15.90 -1.89 -11.04
N PRO B 105 -15.21 -2.92 -11.55
CA PRO B 105 -14.00 -2.64 -12.32
C PRO B 105 -14.23 -1.60 -13.40
N GLY B 106 -13.23 -0.75 -13.59
CA GLY B 106 -13.31 0.38 -14.51
C GLY B 106 -12.65 1.55 -13.84
N LEU B 107 -12.82 2.75 -14.42
CA LEU B 107 -12.14 3.94 -13.95
C LEU B 107 -12.41 4.21 -12.49
N ALA B 108 -13.68 4.09 -12.05
CA ALA B 108 -14.00 4.42 -10.67
C ALA B 108 -13.28 3.46 -9.70
N ARG B 109 -13.27 2.17 -9.99
CA ARG B 109 -12.59 1.21 -9.14
CA ARG B 109 -12.58 1.27 -9.07
C ARG B 109 -11.09 1.52 -9.11
N THR B 110 -10.54 1.84 -10.29
CA THR B 110 -9.12 2.16 -10.35
C THR B 110 -8.79 3.40 -9.51
N ARG B 111 -9.65 4.42 -9.59
CA ARG B 111 -9.44 5.60 -8.72
C ARG B 111 -9.47 5.23 -7.25
N VAL B 112 -10.37 4.31 -6.88
CA VAL B 112 -10.39 3.82 -5.51
C VAL B 112 -9.04 3.15 -5.17
N HIS B 113 -8.58 2.22 -6.02
CA HIS B 113 -7.28 1.56 -5.77
C HIS B 113 -6.17 2.56 -5.56
N GLU B 114 -6.14 3.60 -6.41
CA GLU B 114 -5.07 4.62 -6.31
C GLU B 114 -5.04 5.25 -4.92
N TRP B 115 -6.21 5.65 -4.41
CA TRP B 115 -6.26 6.23 -3.07
C TRP B 115 -5.85 5.21 -1.99
N LEU B 116 -6.21 3.94 -2.18
CA LEU B 116 -5.83 2.96 -1.16
C LEU B 116 -4.31 2.76 -1.10
N PHE B 117 -3.63 2.76 -2.26
CA PHE B 117 -2.18 2.60 -2.23
C PHE B 117 -1.50 3.89 -1.77
N PHE B 118 -2.04 5.04 -2.20
CA PHE B 118 -1.60 6.31 -1.62
C PHE B 118 -1.70 6.29 -0.10
N GLU B 119 -2.83 5.79 0.41
CA GLU B 119 -2.99 5.75 1.85
C GLU B 119 -1.88 4.92 2.51
N GLN B 120 -1.58 3.75 1.96
CA GLN B 120 -0.63 2.86 2.64
C GLN B 120 0.81 3.33 2.48
N TYR B 121 1.10 4.02 1.39
CA TYR B 121 2.48 4.37 1.09
C TYR B 121 2.85 5.79 1.53
N SER B 122 1.90 6.71 1.39
CA SER B 122 2.20 8.15 1.51
C SER B 122 1.49 8.84 2.68
N HIS B 123 0.57 8.16 3.35
CA HIS B 123 -0.26 8.84 4.34
C HIS B 123 -0.16 8.12 5.68
N GLU B 124 -0.57 6.86 5.72
CA GLU B 124 -0.55 6.08 6.97
C GLU B 124 0.83 6.12 7.68
N PRO B 125 1.93 5.89 6.93
CA PRO B 125 3.23 5.82 7.64
C PRO B 125 3.66 7.10 8.35
N TYR B 126 2.95 8.20 8.10
CA TYR B 126 3.28 9.49 8.73
C TYR B 126 2.24 9.92 9.73
N ILE B 127 0.97 9.84 9.33
CA ILE B 127 -0.16 10.27 10.16
CA ILE B 127 -0.12 10.29 10.18
C ILE B 127 -0.44 9.26 11.27
N ALA B 128 -0.58 8.00 10.89
CA ALA B 128 -0.87 6.99 11.89
C ALA B 128 0.32 6.86 12.84
N VAL B 129 1.52 6.86 12.29
CA VAL B 129 2.72 6.70 13.11
C VAL B 129 2.93 7.87 14.09
N ALA B 130 2.77 9.11 13.62
CA ALA B 130 2.91 10.27 14.52
C ALA B 130 1.86 10.23 15.64
N ARG B 131 0.62 9.89 15.30
CA ARG B 131 -0.43 9.73 16.33
C ARG B 131 -0.04 8.64 17.35
N TYR B 132 0.51 7.53 16.86
CA TYR B 132 0.94 6.45 17.72
C TYR B 132 2.05 6.89 18.68
N LEU B 133 3.07 7.55 18.14
CA LEU B 133 4.21 7.97 18.96
C LEU B 133 3.86 9.09 19.94
N LYS B 134 3.06 10.08 19.50
CA LYS B 134 2.73 11.25 20.33
C LYS B 134 1.59 11.00 21.33
N SER B 135 0.52 10.40 20.85
CA SER B 135 -0.72 10.30 21.64
C SER B 135 -1.00 8.91 22.20
N TRP B 136 -0.37 7.89 21.63
CA TRP B 136 -0.60 6.53 22.13
C TRP B 136 0.51 6.13 23.10
N LEU B 137 1.76 6.16 22.63
CA LEU B 137 2.90 5.85 23.48
C LEU B 137 3.32 7.04 24.32
N ARG B 138 3.20 8.24 23.75
CA ARG B 138 3.71 9.45 24.40
C ARG B 138 5.22 9.34 24.53
N GLN B 139 5.87 9.08 23.39
CA GLN B 139 7.31 8.87 23.28
C GLN B 139 7.92 9.88 22.33
N ALA B 140 7.30 11.06 22.19
CA ALA B 140 7.81 12.10 21.29
C ALA B 140 9.33 12.22 21.35
N HIS B 141 9.86 12.13 22.57
CA HIS B 141 11.25 12.44 22.87
C HIS B 141 12.22 11.40 22.35
N LEU B 142 11.72 10.20 22.06
CA LEU B 142 12.58 9.13 21.54
C LEU B 142 12.66 9.16 20.01
N HIS B 143 11.83 9.99 19.38
CA HIS B 143 11.65 9.93 17.93
C HIS B 143 11.68 11.31 17.26
N GLU B 144 12.56 12.20 17.74
CA GLU B 144 12.59 13.57 17.21
C GLU B 144 12.78 13.63 15.69
N ALA B 145 13.75 12.89 15.18
CA ALA B 145 14.00 12.83 13.75
C ALA B 145 12.79 12.26 13.01
N ARG B 146 12.39 11.05 13.40
CA ARG B 146 11.21 10.43 12.82
C ARG B 146 10.03 11.40 12.78
N LEU B 147 9.78 12.08 13.90
CA LEU B 147 8.59 12.95 13.98
C LEU B 147 8.67 14.20 13.10
N ALA B 148 9.86 14.74 12.88
CA ALA B 148 9.98 15.91 12.01
C ALA B 148 9.69 15.50 10.57
N ASP B 149 10.22 14.34 10.20
CA ASP B 149 9.96 13.77 8.89
C ASP B 149 8.47 13.50 8.73
N CYS B 150 7.85 12.93 9.76
CA CYS B 150 6.41 12.69 9.76
C CYS B 150 5.60 13.95 9.56
N ALA B 151 6.00 15.00 10.26
CA ALA B 151 5.28 16.25 10.17
C ALA B 151 5.33 16.74 8.73
N THR B 152 6.51 16.72 8.13
CA THR B 152 6.67 17.18 6.75
C THR B 152 5.92 16.32 5.75
N ARG B 153 6.06 15.00 5.87
CA ARG B 153 5.50 14.12 4.86
C ARG B 153 4.00 13.92 5.07
N GLY B 154 3.55 13.93 6.33
CA GLY B 154 2.11 13.93 6.60
C GLY B 154 1.43 15.18 6.04
N ALA B 155 2.07 16.35 6.23
CA ALA B 155 1.53 17.59 5.67
C ALA B 155 1.43 17.48 4.14
N ALA B 156 2.43 16.90 3.49
CA ALA B 156 2.39 16.70 2.04
C ALA B 156 1.20 15.80 1.62
N ALA B 157 0.90 14.78 2.43
CA ALA B 157 -0.22 13.86 2.10
C ALA B 157 -1.53 14.61 2.26
N LEU B 158 -1.63 15.44 3.30
CA LEU B 158 -2.83 16.25 3.51
C LEU B 158 -2.97 17.27 2.35
N ASP B 159 -1.84 17.80 1.86
CA ASP B 159 -1.90 18.75 0.74
C ASP B 159 -2.51 18.08 -0.51
N VAL B 160 -2.18 16.80 -0.74
CA VAL B 160 -2.70 16.06 -1.88
C VAL B 160 -4.23 15.92 -1.71
N MET B 161 -4.65 15.56 -0.50
CA MET B 161 -6.08 15.37 -0.24
C MET B 161 -6.80 16.71 -0.40
N GLU B 162 -6.20 17.77 0.10
CA GLU B 162 -6.80 19.12 0.02
C GLU B 162 -7.01 19.55 -1.43
N GLN B 163 -6.01 19.28 -2.27
CA GLN B 163 -6.04 19.70 -3.67
C GLN B 163 -7.24 19.01 -4.36
N HIS B 164 -7.47 17.74 -4.02
CA HIS B 164 -8.55 17.03 -4.66
C HIS B 164 -9.91 17.47 -4.07
N LEU B 165 -9.99 17.54 -2.74
CA LEU B 165 -11.27 17.77 -2.06
C LEU B 165 -11.75 19.23 -2.14
N ALA B 166 -10.87 20.13 -2.57
CA ALA B 166 -11.27 21.51 -2.85
C ALA B 166 -12.20 21.58 -4.08
N GLY B 167 -12.03 20.61 -4.99
CA GLY B 167 -12.82 20.54 -6.21
C GLY B 167 -13.94 19.49 -6.27
N GLU B 168 -13.85 18.43 -5.46
CA GLU B 168 -14.91 17.41 -5.43
C GLU B 168 -15.12 17.01 -3.97
N PRO B 169 -16.38 16.79 -3.55
CA PRO B 169 -16.63 16.49 -2.12
C PRO B 169 -16.25 15.07 -1.69
N TRP B 170 -16.06 14.15 -2.65
CA TRP B 170 -15.69 12.76 -2.36
C TRP B 170 -14.40 12.40 -3.08
N LEU B 171 -13.67 11.39 -2.59
CA LEU B 171 -12.41 11.03 -3.22
C LEU B 171 -12.57 10.44 -4.66
N VAL B 172 -13.68 9.76 -4.92
CA VAL B 172 -13.92 9.11 -6.21
C VAL B 172 -15.35 9.31 -6.68
N GLY B 173 -15.52 9.66 -7.95
CA GLY B 173 -16.85 9.79 -8.51
C GLY B 173 -17.71 10.79 -7.75
N GLU B 174 -19.00 10.46 -7.62
CA GLU B 174 -20.01 11.37 -7.09
C GLU B 174 -20.62 10.92 -5.74
N GLY B 175 -19.94 9.99 -5.07
CA GLY B 175 -20.41 9.52 -3.78
C GLY B 175 -19.30 8.85 -2.97
N PRO B 176 -19.57 8.55 -1.68
CA PRO B 176 -18.59 7.93 -0.80
C PRO B 176 -18.24 6.48 -1.22
N THR B 177 -16.98 6.10 -0.99
CA THR B 177 -16.51 4.76 -1.31
C THR B 177 -15.55 4.33 -0.22
N ILE B 178 -15.00 3.11 -0.32
CA ILE B 178 -13.97 2.70 0.63
C ILE B 178 -12.70 3.56 0.55
N ALA B 179 -12.51 4.31 -0.55
CA ALA B 179 -11.38 5.24 -0.55
C ALA B 179 -11.57 6.29 0.56
N ASP B 180 -12.79 6.84 0.69
CA ASP B 180 -13.03 7.79 1.78
C ASP B 180 -12.82 7.13 3.14
N LEU B 181 -13.35 5.90 3.31
CA LEU B 181 -13.17 5.20 4.58
C LEU B 181 -11.67 5.01 4.92
N ALA B 182 -10.89 4.55 3.93
CA ALA B 182 -9.49 4.26 4.18
C ALA B 182 -8.72 5.49 4.65
N LEU B 183 -9.00 6.66 4.06
CA LEU B 183 -8.28 7.89 4.44
CA LEU B 183 -8.30 7.92 4.42
C LEU B 183 -8.91 8.58 5.65
N PHE B 184 -10.19 8.29 5.91
CA PHE B 184 -10.87 8.85 7.07
C PHE B 184 -10.32 8.24 8.36
N ALA B 185 -9.96 6.94 8.29
CA ALA B 185 -9.56 6.16 9.46
C ALA B 185 -8.62 6.94 10.39
N TYR B 186 -7.51 7.42 9.84
CA TYR B 186 -6.59 8.22 10.65
C TYR B 186 -6.78 9.73 10.51
N THR B 187 -7.27 10.18 9.35
CA THR B 187 -7.36 11.63 9.14
C THR B 187 -8.33 12.24 10.13
N HIS B 188 -9.41 11.53 10.48
CA HIS B 188 -10.40 12.13 11.40
C HIS B 188 -9.80 12.37 12.80
N ARG B 189 -8.70 11.69 13.10
CA ARG B 189 -8.04 11.84 14.38
C ARG B 189 -6.69 12.54 14.20
N ALA B 190 -6.54 13.33 13.15
CA ALA B 190 -5.24 13.93 12.81
C ALA B 190 -4.73 14.85 13.92
N GLU B 191 -5.64 15.43 14.71
CA GLU B 191 -5.21 16.29 15.83
C GLU B 191 -4.27 15.54 16.78
N GLU B 192 -4.45 14.23 16.92
CA GLU B 192 -3.59 13.41 17.78
C GLU B 192 -2.21 13.16 17.19
N ALA B 193 -2.05 13.52 15.91
CA ALA B 193 -0.76 13.47 15.24
C ALA B 193 -0.18 14.87 15.11
N ASP B 194 -0.79 15.81 15.83
CA ASP B 194 -0.37 17.21 15.85
CA ASP B 194 -0.33 17.20 15.84
C ASP B 194 -0.58 17.91 14.50
N PHE B 195 -1.64 17.52 13.80
CA PHE B 195 -2.07 18.23 12.60
C PHE B 195 -3.35 19.01 12.88
N ASP B 196 -3.35 20.29 12.54
CA ASP B 196 -4.53 21.11 12.73
C ASP B 196 -5.32 21.19 11.41
N LEU B 197 -6.43 20.47 11.33
CA LEU B 197 -7.16 20.37 10.06
C LEU B 197 -7.78 21.68 9.60
N ALA B 198 -7.84 22.67 10.49
CA ALA B 198 -8.30 23.99 10.08
C ALA B 198 -7.41 24.54 8.98
N GLN B 199 -6.15 24.08 8.95
CA GLN B 199 -5.21 24.48 7.90
C GLN B 199 -5.40 23.76 6.56
N TRP B 200 -6.29 22.75 6.55
CA TRP B 200 -6.67 22.04 5.33
C TRP B 200 -8.20 22.03 5.28
N PRO B 201 -8.80 23.17 4.96
CA PRO B 201 -10.23 23.33 5.17
C PRO B 201 -11.08 22.40 4.32
N ALA B 202 -10.62 22.06 3.10
CA ALA B 202 -11.37 21.12 2.26
C ALA B 202 -11.30 19.72 2.87
N VAL B 203 -10.15 19.35 3.43
CA VAL B 203 -10.05 18.08 4.16
C VAL B 203 -10.97 18.10 5.39
N LEU B 204 -10.99 19.22 6.13
CA LEU B 204 -11.83 19.31 7.34
C LEU B 204 -13.29 19.13 6.95
N ALA B 205 -13.70 19.76 5.84
CA ALA B 205 -15.09 19.70 5.39
C ALA B 205 -15.44 18.28 4.97
N TRP B 206 -14.46 17.58 4.40
CA TRP B 206 -14.68 16.20 3.96
C TRP B 206 -14.77 15.30 5.20
N VAL B 207 -13.90 15.52 6.19
CA VAL B 207 -14.01 14.76 7.43
C VAL B 207 -15.43 14.89 8.01
N ASP B 208 -15.98 16.09 8.04
CA ASP B 208 -17.33 16.28 8.59
C ASP B 208 -18.40 15.59 7.75
N ARG B 209 -18.25 15.63 6.43
CA ARG B 209 -19.17 15.00 5.48
C ARG B 209 -19.18 13.49 5.68
N VAL B 210 -17.99 12.92 5.81
CA VAL B 210 -17.91 11.47 6.01
C VAL B 210 -18.50 11.12 7.37
N ALA B 211 -18.18 11.90 8.40
CA ALA B 211 -18.68 11.60 9.76
C ALA B 211 -20.20 11.65 9.84
N ALA B 212 -20.83 12.44 8.96
CA ALA B 212 -22.28 12.58 8.98
C ALA B 212 -23.00 11.45 8.23
N LEU B 213 -22.26 10.62 7.51
CA LEU B 213 -22.91 9.51 6.79
C LEU B 213 -23.56 8.51 7.75
N PRO B 214 -24.73 7.95 7.38
CA PRO B 214 -25.35 6.95 8.23
C PRO B 214 -24.42 5.76 8.49
N GLY B 215 -24.33 5.33 9.74
CA GLY B 215 -23.53 4.15 10.07
C GLY B 215 -22.06 4.39 10.38
N ILE B 216 -21.56 5.61 10.19
CA ILE B 216 -20.16 5.91 10.46
C ILE B 216 -19.98 6.31 11.92
N ASN B 217 -18.99 5.67 12.57
CA ASN B 217 -18.65 5.93 13.95
C ASN B 217 -17.21 6.43 14.06
N LEU B 218 -16.97 7.34 15.00
CA LEU B 218 -15.65 7.89 15.23
C LEU B 218 -14.86 7.07 16.25
N ILE B 219 -13.53 7.11 16.12
CA ILE B 219 -12.67 6.61 17.18
C ILE B 219 -12.65 7.66 18.30
N PRO B 220 -13.03 7.26 19.53
CA PRO B 220 -12.96 8.24 20.63
C PRO B 220 -11.50 8.68 20.86
N PRO B 221 -11.30 9.84 21.54
CA PRO B 221 -9.93 10.29 21.81
C PRO B 221 -9.12 9.23 22.56
N LEU B 222 -7.88 9.03 22.14
CA LEU B 222 -7.01 8.02 22.78
C LEU B 222 -6.90 8.19 24.28
N ASP B 223 -6.85 9.44 24.74
CA ASP B 223 -6.79 9.74 26.17
C ASP B 223 -7.93 9.13 26.97
N GLU B 224 -9.04 8.82 26.28
CA GLU B 224 -10.27 8.37 26.93
C GLU B 224 -10.46 6.88 26.82
N ILE B 225 -9.72 6.24 25.93
CA ILE B 225 -9.92 4.80 25.74
C ILE B 225 -8.71 3.91 26.03
N LEU B 226 -7.53 4.52 26.16
CA LEU B 226 -6.31 3.77 26.43
C LEU B 226 -5.97 3.77 27.92
N PRO B 227 -5.43 2.62 28.40
CA PRO B 227 -4.91 2.52 29.76
C PRO B 227 -3.49 3.08 29.82
#